data_4OH7
#
_entry.id   4OH7
#
_cell.length_a   88.450
_cell.length_b   88.450
_cell.length_c   142.680
_cell.angle_alpha   90.000
_cell.angle_beta   90.000
_cell.angle_gamma   120.000
#
_symmetry.space_group_name_H-M   'P 63'
#
loop_
_entity.id
_entity.type
_entity.pdbx_description
1 polymer 'Ornithine carbamoyltransferase'
2 non-polymer 1,2-ETHANEDIOL
3 non-polymer 'CHLORIDE ION'
4 water water
#
_entity_poly.entity_id   1
_entity_poly.type   'polypeptide(L)'
_entity_poly.pdbx_seq_one_letter_code
;MAHHHHHHMANDNGIKHFIDLSTVPATELRAILEDAKARKARLKAGEVERPYAGKVLAMIFEKLSTRTRVSFDVGMRQLG
GETIMLTGSEMQLGRSETIADTAKVLSRYVDAIMIRTTAHERMLELAEYATVPVINALTDDTHPCQIMADVLTYEEHRGP
IKGKTFAWMGDGNNVLHSLVEAAARFDFNVNIATPKGSEPKSQYIDWARANGAGIMSTTDPEKAASGADCIVTDTWVSMG
QEDHARGHNVFIPYQVNANLMAKADPKALFMHCLPAHRGEEVTDEVIDGPQSVVFDEAENRLHAQKAILAWCLQDRGLGA
;
_entity_poly.pdbx_strand_id   A,B
#
loop_
_chem_comp.id
_chem_comp.type
_chem_comp.name
_chem_comp.formula
CL non-polymer 'CHLORIDE ION' 'Cl -1'
EDO non-polymer 1,2-ETHANEDIOL 'C2 H6 O2'
#
# COMPACT_ATOMS: atom_id res chain seq x y z
N GLY A 14 4.05 15.53 25.20
CA GLY A 14 4.44 15.78 23.78
C GLY A 14 5.45 14.78 23.23
N ILE A 15 6.27 14.20 24.13
CA ILE A 15 7.37 13.32 23.70
C ILE A 15 6.79 12.08 23.02
N LYS A 16 7.40 11.72 21.89
CA LYS A 16 6.89 10.64 21.06
C LYS A 16 7.45 9.29 21.50
N HIS A 17 7.01 8.82 22.67
CA HIS A 17 7.30 7.46 23.12
C HIS A 17 6.62 6.45 22.22
N PHE A 18 7.24 5.29 22.07
CA PHE A 18 6.61 4.17 21.35
C PHE A 18 6.50 2.99 22.31
N ILE A 19 5.41 2.94 23.07
CA ILE A 19 5.25 1.96 24.16
C ILE A 19 4.50 0.71 23.68
N ASP A 20 3.36 0.90 23.02
CA ASP A 20 2.54 -0.22 22.55
C ASP A 20 1.67 0.27 21.41
N LEU A 21 1.17 -0.66 20.63
CA LEU A 21 0.24 -0.29 19.56
C LEU A 21 -1.00 0.39 20.10
N SER A 22 -1.42 -0.01 21.30
CA SER A 22 -2.59 0.58 21.93
C SER A 22 -2.36 1.98 22.51
N THR A 23 -1.12 2.48 22.50
CA THR A 23 -0.77 3.83 22.98
C THR A 23 -0.36 4.80 21.87
N VAL A 24 -0.46 4.37 20.61
CA VAL A 24 -0.15 5.22 19.48
C VAL A 24 -1.39 5.25 18.58
N PRO A 25 -1.76 6.44 18.07
CA PRO A 25 -2.96 6.45 17.23
C PRO A 25 -2.83 5.65 15.93
N ALA A 26 -3.95 5.09 15.50
CA ALA A 26 -3.99 4.30 14.27
C ALA A 26 -3.39 5.04 13.07
N THR A 27 -3.74 6.30 12.91
CA THR A 27 -3.24 7.06 11.77
C THR A 27 -1.71 7.19 11.82
N GLU A 28 -1.16 7.33 13.01
CA GLU A 28 0.29 7.41 13.18
C GLU A 28 0.97 6.06 12.92
N LEU A 29 0.37 4.98 13.40
CA LEU A 29 0.90 3.66 13.07
C LEU A 29 0.90 3.41 11.57
N ARG A 30 -0.16 3.85 10.90
CA ARG A 30 -0.20 3.74 9.44
C ARG A 30 0.90 4.60 8.80
N ALA A 31 1.10 5.82 9.31
CA ALA A 31 2.14 6.69 8.77
C ALA A 31 3.52 6.06 8.92
N ILE A 32 3.73 5.42 10.06
CA ILE A 32 4.99 4.75 10.31
C ILE A 32 5.19 3.59 9.31
N LEU A 33 4.16 2.80 9.08
CA LEU A 33 4.25 1.68 8.14
CA LEU A 33 4.30 1.69 8.13
C LEU A 33 4.59 2.19 6.72
N GLU A 34 3.93 3.28 6.32
CA GLU A 34 4.17 3.80 4.98
C GLU A 34 5.57 4.38 4.84
N ASP A 35 6.05 5.03 5.88
CA ASP A 35 7.43 5.49 5.90
C ASP A 35 8.41 4.31 5.86
N ALA A 36 8.11 3.23 6.58
CA ALA A 36 8.95 2.06 6.51
C ALA A 36 9.12 1.57 5.09
N LYS A 37 8.02 1.54 4.33
CA LYS A 37 8.07 1.12 2.93
C LYS A 37 8.92 2.10 2.10
N ALA A 38 8.70 3.41 2.31
CA ALA A 38 9.45 4.45 1.55
C ALA A 38 10.94 4.35 1.82
N ARG A 39 11.34 4.26 3.08
CA ARG A 39 12.75 4.19 3.39
C ARG A 39 13.40 2.90 2.88
N LYS A 40 12.69 1.78 2.97
CA LYS A 40 13.16 0.51 2.47
C LYS A 40 13.43 0.58 0.95
N ALA A 41 12.51 1.22 0.23
CA ALA A 41 12.67 1.37 -1.23
C ALA A 41 13.93 2.16 -1.53
N ARG A 42 14.17 3.25 -0.82
CA ARG A 42 15.39 4.04 -1.06
C ARG A 42 16.63 3.22 -0.74
N LEU A 43 16.57 2.40 0.29
CA LEU A 43 17.73 1.61 0.68
C LEU A 43 18.06 0.55 -0.37
N LYS A 44 17.04 -0.15 -0.84
CA LYS A 44 17.21 -1.22 -1.82
C LYS A 44 17.73 -0.62 -3.13
N ALA A 45 17.39 0.64 -3.39
CA ALA A 45 17.89 1.35 -4.59
C ALA A 45 19.34 1.81 -4.45
N GLY A 46 19.98 1.54 -3.32
CA GLY A 46 21.42 1.81 -3.14
C GLY A 46 21.75 3.13 -2.47
N GLU A 47 20.74 3.80 -1.92
CA GLU A 47 20.97 5.10 -1.32
C GLU A 47 21.45 4.95 0.11
N VAL A 48 22.50 5.70 0.45
CA VAL A 48 23.01 5.75 1.81
C VAL A 48 22.83 7.18 2.27
N GLU A 49 22.03 7.40 3.31
CA GLU A 49 21.65 8.75 3.73
C GLU A 49 21.79 8.87 5.21
N ARG A 50 21.77 10.11 5.72
CA ARG A 50 22.05 10.34 7.14
C ARG A 50 21.16 11.43 7.75
N PRO A 51 19.83 11.25 7.67
CA PRO A 51 18.90 12.26 8.23
C PRO A 51 19.00 12.49 9.73
N TYR A 52 19.44 11.47 10.47
CA TYR A 52 19.59 11.59 11.90
C TYR A 52 21.05 11.50 12.32
N ALA A 53 21.95 12.00 11.48
CA ALA A 53 23.34 12.22 11.89
C ALA A 53 23.43 12.96 13.23
N GLY A 54 24.28 12.48 14.15
CA GLY A 54 24.44 13.09 15.46
C GLY A 54 23.41 12.68 16.52
N LYS A 55 22.46 11.84 16.15
CA LYS A 55 21.49 11.32 17.11
C LYS A 55 22.04 10.00 17.64
N VAL A 56 21.82 9.77 18.93
CA VAL A 56 22.26 8.57 19.63
C VAL A 56 21.09 7.83 20.26
N LEU A 57 21.07 6.53 20.00
CA LEU A 57 20.10 5.61 20.61
C LEU A 57 20.80 4.77 21.69
N ALA A 58 20.38 4.92 22.95
CA ALA A 58 20.77 3.98 23.98
C ALA A 58 19.91 2.73 23.87
N MET A 59 20.55 1.56 23.93
CA MET A 59 19.81 0.31 23.86
C MET A 59 20.01 -0.45 25.15
N ILE A 60 18.99 -0.45 26.01
CA ILE A 60 19.07 -1.12 27.33
C ILE A 60 18.43 -2.50 27.25
N PHE A 61 19.22 -3.54 27.46
CA PHE A 61 18.72 -4.92 27.43
C PHE A 61 18.77 -5.52 28.82
N GLU A 62 17.63 -5.55 29.51
CA GLU A 62 17.56 -6.26 30.81
C GLU A 62 17.48 -7.78 30.65
N LYS A 63 17.11 -8.22 29.45
CA LYS A 63 17.17 -9.63 29.06
CA LYS A 63 17.19 -9.62 29.07
C LYS A 63 17.74 -9.68 27.65
N LEU A 64 18.51 -10.73 27.37
CA LEU A 64 19.13 -10.96 26.07
C LEU A 64 18.11 -11.03 24.94
N SER A 65 18.35 -10.28 23.85
CA SER A 65 17.65 -10.52 22.56
C SER A 65 18.52 -10.05 21.42
N THR A 66 19.33 -10.94 20.91
CA THR A 66 20.28 -10.53 19.87
C THR A 66 19.62 -10.08 18.57
N ARG A 67 18.55 -10.74 18.14
CA ARG A 67 17.90 -10.30 16.90
C ARG A 67 17.30 -8.90 17.02
N THR A 68 16.81 -8.56 18.20
CA THR A 68 16.31 -7.21 18.50
C THR A 68 17.48 -6.18 18.50
N ARG A 69 18.58 -6.54 19.15
CA ARG A 69 19.77 -5.70 19.15
C ARG A 69 20.25 -5.44 17.73
N VAL A 70 20.42 -6.50 16.94
CA VAL A 70 21.04 -6.31 15.64
C VAL A 70 20.13 -5.47 14.74
N SER A 71 18.86 -5.79 14.75
CA SER A 71 17.91 -5.08 13.88
C SER A 71 17.79 -3.60 14.26
N PHE A 72 17.73 -3.26 15.54
CA PHE A 72 17.72 -1.84 15.92
C PHE A 72 19.06 -1.16 15.60
N ASP A 73 20.19 -1.83 15.83
CA ASP A 73 21.51 -1.22 15.65
C ASP A 73 21.71 -0.86 14.18
N VAL A 74 21.45 -1.82 13.31
CA VAL A 74 21.65 -1.56 11.89
C VAL A 74 20.70 -0.47 11.44
N GLY A 75 19.45 -0.52 11.87
CA GLY A 75 18.45 0.48 11.49
C GLY A 75 18.84 1.90 11.88
N MET A 76 19.29 2.07 13.11
CA MET A 76 19.74 3.39 13.56
C MET A 76 20.93 3.88 12.76
N ARG A 77 21.86 2.99 12.44
CA ARG A 77 23.02 3.38 11.68
C ARG A 77 22.66 3.78 10.26
N GLN A 78 21.70 3.09 9.68
CA GLN A 78 21.22 3.45 8.34
C GLN A 78 20.51 4.79 8.31
N LEU A 79 19.98 5.25 9.45
CA LEU A 79 19.45 6.60 9.56
C LEU A 79 20.55 7.66 9.75
N GLY A 80 21.79 7.20 9.90
CA GLY A 80 22.95 8.03 10.17
C GLY A 80 23.24 8.23 11.64
N GLY A 81 22.49 7.57 12.52
CA GLY A 81 22.71 7.73 13.94
C GLY A 81 23.70 6.74 14.53
N GLU A 82 23.82 6.85 15.85
CA GLU A 82 24.75 6.11 16.67
C GLU A 82 23.96 5.26 17.64
N THR A 83 24.54 4.15 18.07
CA THR A 83 23.93 3.31 19.09
C THR A 83 24.92 2.98 20.19
N ILE A 84 24.39 2.76 21.39
CA ILE A 84 25.19 2.34 22.54
C ILE A 84 24.47 1.15 23.16
N MET A 85 25.15 -0.01 23.17
CA MET A 85 24.61 -1.26 23.73
C MET A 85 24.89 -1.36 25.22
N LEU A 86 23.83 -1.45 26.01
CA LEU A 86 23.94 -1.58 27.46
C LEU A 86 23.22 -2.81 27.94
N THR A 87 23.90 -3.60 28.76
CA THR A 87 23.24 -4.75 29.38
C THR A 87 22.60 -4.46 30.73
N GLY A 88 21.82 -5.44 31.17
CA GLY A 88 21.24 -5.49 32.48
C GLY A 88 22.29 -5.30 33.54
N SER A 89 23.45 -5.96 33.38
CA SER A 89 24.55 -5.84 34.34
C SER A 89 25.20 -4.45 34.32
N GLU A 90 25.18 -3.79 33.17
CA GLU A 90 25.68 -2.43 33.07
CA GLU A 90 25.65 -2.40 33.05
C GLU A 90 24.59 -1.43 33.52
N MET A 91 23.34 -1.83 33.32
CA MET A 91 22.18 -1.03 33.69
CA MET A 91 22.25 -1.12 33.95
C MET A 91 20.98 -1.93 34.03
N GLN A 92 20.58 -2.00 35.30
CA GLN A 92 19.30 -2.54 35.69
C GLN A 92 18.62 -1.29 36.23
N LEU A 93 17.51 -0.89 35.64
CA LEU A 93 16.79 0.26 36.16
C LEU A 93 16.46 0.04 37.66
N GLY A 94 16.83 1.01 38.50
CA GLY A 94 16.43 1.01 39.91
C GLY A 94 17.44 0.45 40.90
N ARG A 95 18.54 -0.09 40.40
CA ARG A 95 19.51 -0.77 41.24
C ARG A 95 20.40 0.20 42.03
N SER A 96 21.07 1.08 41.31
CA SER A 96 22.09 1.92 41.90
C SER A 96 21.62 3.34 42.15
N GLU A 97 20.44 3.68 41.64
CA GLU A 97 19.84 5.02 41.82
C GLU A 97 18.39 4.94 41.38
N THR A 98 17.59 5.95 41.68
CA THR A 98 16.19 5.88 41.21
C THR A 98 16.12 5.85 39.69
N ILE A 99 15.05 5.27 39.18
CA ILE A 99 14.84 5.28 37.75
C ILE A 99 14.72 6.69 37.23
N ALA A 100 14.09 7.59 38.01
CA ALA A 100 14.02 8.99 37.61
C ALA A 100 15.40 9.58 37.36
N ASP A 101 16.34 9.32 38.27
CA ASP A 101 17.70 9.85 38.10
C ASP A 101 18.37 9.28 36.87
N THR A 102 18.23 7.99 36.64
CA THR A 102 18.80 7.38 35.43
C THR A 102 18.22 8.01 34.17
N ALA A 103 16.89 8.14 34.14
CA ALA A 103 16.23 8.71 32.99
C ALA A 103 16.68 10.11 32.68
N LYS A 104 16.81 10.93 33.72
CA LYS A 104 17.17 12.32 33.51
CA LYS A 104 17.18 12.33 33.54
C LYS A 104 18.62 12.46 33.03
N VAL A 105 19.51 11.63 33.56
CA VAL A 105 20.90 11.67 33.10
C VAL A 105 21.05 11.11 31.70
N LEU A 106 20.44 9.96 31.41
CA LEU A 106 20.59 9.39 30.10
CA LEU A 106 20.48 9.39 30.06
C LEU A 106 20.00 10.39 29.06
N SER A 107 18.92 11.09 29.42
CA SER A 107 18.34 12.12 28.55
C SER A 107 19.27 13.27 28.21
N ARG A 108 20.26 13.55 29.07
CA ARG A 108 21.27 14.55 28.76
C ARG A 108 22.34 14.05 27.76
N TYR A 109 22.44 12.73 27.57
CA TYR A 109 23.50 12.17 26.73
C TYR A 109 23.02 11.65 25.37
N VAL A 110 21.80 11.11 25.33
CA VAL A 110 21.29 10.45 24.13
C VAL A 110 19.97 11.05 23.69
N ASP A 111 19.51 10.62 22.52
CA ASP A 111 18.32 11.20 21.88
C ASP A 111 17.08 10.32 21.87
N ALA A 112 17.25 9.04 22.21
CA ALA A 112 16.16 8.11 22.34
C ALA A 112 16.69 6.92 23.13
N ILE A 113 15.80 6.21 23.79
CA ILE A 113 16.18 5.05 24.60
C ILE A 113 15.28 3.89 24.21
N MET A 114 15.87 2.84 23.69
CA MET A 114 15.22 1.56 23.40
CA MET A 114 15.09 1.63 23.50
C MET A 114 15.40 0.73 24.66
N ILE A 115 14.36 0.02 25.09
CA ILE A 115 14.52 -0.87 26.24
C ILE A 115 13.85 -2.21 26.00
N ARG A 116 14.55 -3.28 26.36
CA ARG A 116 14.00 -4.62 26.43
C ARG A 116 13.95 -4.92 27.91
N THR A 117 12.76 -4.95 28.47
CA THR A 117 12.60 -5.25 29.90
C THR A 117 11.71 -6.50 30.06
N THR A 118 11.57 -6.94 31.30
CA THR A 118 10.76 -8.09 31.58
C THR A 118 9.35 -7.54 31.76
N ALA A 119 9.15 -6.87 32.90
CA ALA A 119 7.86 -6.26 33.24
C ALA A 119 7.75 -4.85 32.66
N HIS A 120 6.52 -4.53 32.30
CA HIS A 120 6.19 -3.23 31.70
CA HIS A 120 6.11 -3.27 31.74
C HIS A 120 6.49 -2.04 32.58
N GLU A 121 6.32 -2.18 33.89
CA GLU A 121 6.33 -1.01 34.79
C GLU A 121 7.63 -0.21 34.76
N ARG A 122 8.76 -0.88 34.62
CA ARG A 122 10.01 -0.13 34.65
C ARG A 122 10.23 0.65 33.37
N MET A 123 9.71 0.12 32.27
CA MET A 123 9.72 0.88 31.02
C MET A 123 8.86 2.15 31.17
N LEU A 124 7.68 2.02 31.77
CA LEU A 124 6.78 3.16 31.90
C LEU A 124 7.36 4.22 32.82
N GLU A 125 8.04 3.81 33.87
CA GLU A 125 8.68 4.80 34.74
C GLU A 125 9.86 5.50 34.07
N LEU A 126 10.62 4.76 33.28
CA LEU A 126 11.66 5.38 32.48
C LEU A 126 11.05 6.43 31.58
N ALA A 127 9.96 6.07 30.89
CA ALA A 127 9.30 7.02 30.00
C ALA A 127 8.71 8.21 30.76
N GLU A 128 8.24 7.99 31.99
CA GLU A 128 7.67 9.10 32.76
C GLU A 128 8.69 10.22 32.99
N TYR A 129 9.92 9.82 33.29
CA TYR A 129 10.94 10.78 33.65
C TYR A 129 11.92 11.17 32.55
N ALA A 130 11.96 10.40 31.46
CA ALA A 130 12.86 10.75 30.35
C ALA A 130 12.35 11.97 29.64
N THR A 131 13.26 12.74 29.06
CA THR A 131 12.85 13.85 28.22
C THR A 131 13.17 13.55 26.76
N VAL A 132 13.47 12.29 26.48
CA VAL A 132 13.67 11.76 25.11
C VAL A 132 12.74 10.57 24.97
N PRO A 133 12.40 10.19 23.73
CA PRO A 133 11.50 9.04 23.54
C PRO A 133 12.07 7.72 24.04
N VAL A 134 11.17 6.96 24.63
CA VAL A 134 11.41 5.60 25.09
C VAL A 134 10.66 4.66 24.15
N ILE A 135 11.35 3.60 23.69
CA ILE A 135 10.81 2.65 22.73
C ILE A 135 10.82 1.26 23.34
N ASN A 136 9.67 0.61 23.28
CA ASN A 136 9.52 -0.78 23.74
C ASN A 136 10.07 -1.71 22.71
N ALA A 137 11.30 -2.16 22.92
CA ALA A 137 11.89 -3.12 22.01
C ALA A 137 11.19 -4.47 22.06
N LEU A 138 10.81 -4.86 23.28
CA LEU A 138 9.83 -5.90 23.63
C LEU A 138 9.83 -6.09 25.13
N THR A 139 8.75 -6.68 25.60
CA THR A 139 8.62 -7.04 27.00
C THR A 139 8.08 -8.45 27.06
N ASP A 140 7.92 -8.96 28.28
CA ASP A 140 7.27 -10.25 28.42
C ASP A 140 5.82 -10.23 27.97
N ASP A 141 5.15 -9.08 28.05
CA ASP A 141 3.73 -9.01 27.78
C ASP A 141 3.33 -8.48 26.41
N THR A 142 4.15 -7.66 25.77
CA THR A 142 3.83 -7.18 24.42
C THR A 142 5.07 -7.06 23.53
N HIS A 143 4.84 -7.03 22.21
CA HIS A 143 5.93 -6.99 21.23
C HIS A 143 5.49 -6.16 20.03
N PRO A 144 5.27 -4.86 20.23
CA PRO A 144 4.77 -4.03 19.14
C PRO A 144 5.65 -4.00 17.93
N CYS A 145 6.96 -4.03 18.12
CA CYS A 145 7.87 -3.93 16.95
C CYS A 145 7.78 -5.18 16.07
N GLN A 146 7.65 -6.36 16.65
CA GLN A 146 7.47 -7.56 15.87
C GLN A 146 6.19 -7.49 15.05
N ILE A 147 5.11 -6.98 15.64
CA ILE A 147 3.85 -6.92 14.95
C ILE A 147 3.86 -5.84 13.87
N MET A 148 4.57 -4.73 14.07
CA MET A 148 4.75 -3.77 12.96
C MET A 148 5.48 -4.46 11.81
N ALA A 149 6.53 -5.22 12.13
CA ALA A 149 7.21 -5.98 11.07
C ALA A 149 6.27 -6.95 10.37
N ASP A 150 5.39 -7.60 11.10
CA ASP A 150 4.45 -8.56 10.52
C ASP A 150 3.43 -7.91 9.59
N VAL A 151 2.87 -6.79 10.01
CA VAL A 151 1.89 -6.08 9.19
C VAL A 151 2.58 -5.58 7.92
N LEU A 152 3.79 -5.03 8.06
CA LEU A 152 4.58 -4.63 6.88
C LEU A 152 4.74 -5.81 5.91
N THR A 153 5.15 -6.95 6.45
CA THR A 153 5.40 -8.14 5.61
C THR A 153 4.11 -8.57 4.91
N TYR A 154 3.01 -8.60 5.65
CA TYR A 154 1.74 -9.00 5.07
C TYR A 154 1.41 -8.09 3.86
N GLU A 155 1.48 -6.79 4.06
CA GLU A 155 1.09 -5.86 3.02
C GLU A 155 2.05 -5.95 1.83
N GLU A 156 3.32 -6.20 2.08
CA GLU A 156 4.25 -6.36 0.97
C GLU A 156 3.95 -7.54 0.08
N HIS A 157 3.48 -8.62 0.69
CA HIS A 157 3.19 -9.86 -0.05
C HIS A 157 1.79 -9.91 -0.57
N ARG A 158 0.86 -9.17 0.05
CA ARG A 158 -0.59 -9.44 -0.20
C ARG A 158 -1.47 -8.20 -0.36
N GLY A 159 -0.87 -7.02 -0.18
CA GLY A 159 -1.63 -5.78 -0.23
C GLY A 159 -2.30 -5.37 1.06
N PRO A 160 -3.27 -4.45 0.97
CA PRO A 160 -3.90 -3.89 2.18
C PRO A 160 -4.37 -4.97 3.13
N ILE A 161 -4.07 -4.79 4.42
CA ILE A 161 -4.41 -5.78 5.44
C ILE A 161 -5.85 -5.62 5.90
N LYS A 162 -6.48 -4.50 5.58
CA LYS A 162 -7.85 -4.23 6.09
C LYS A 162 -8.81 -5.38 5.77
N GLY A 163 -9.53 -5.88 6.79
CA GLY A 163 -10.51 -6.92 6.62
C GLY A 163 -9.99 -8.34 6.50
N LYS A 164 -8.67 -8.51 6.46
CA LYS A 164 -8.08 -9.83 6.38
C LYS A 164 -8.24 -10.56 7.71
N THR A 165 -7.98 -11.85 7.72
CA THR A 165 -8.05 -12.66 8.96
C THR A 165 -6.74 -13.42 9.18
N PHE A 166 -6.16 -13.21 10.35
CA PHE A 166 -4.98 -13.91 10.82
C PHE A 166 -5.46 -14.96 11.80
N ALA A 167 -4.87 -16.14 11.78
CA ALA A 167 -5.21 -17.19 12.74
C ALA A 167 -3.94 -17.55 13.53
N TRP A 168 -4.03 -17.40 14.85
CA TRP A 168 -2.98 -17.75 15.77
C TRP A 168 -3.25 -19.14 16.33
N MET A 169 -2.22 -19.99 16.30
CA MET A 169 -2.31 -21.34 16.91
C MET A 169 -1.47 -21.44 18.17
N GLY A 170 -2.10 -21.94 19.22
N GLY A 170 -2.07 -21.86 19.28
CA GLY A 170 -1.45 -22.11 20.52
CA GLY A 170 -1.29 -22.14 20.51
C GLY A 170 -1.97 -21.03 21.45
C GLY A 170 -1.92 -21.63 21.80
N ASP A 171 -1.21 -20.74 22.49
CA ASP A 171 -1.74 -19.91 23.55
C ASP A 171 -1.07 -18.56 23.44
N GLY A 172 -1.47 -17.64 24.31
CA GLY A 172 -0.99 -16.28 24.23
C GLY A 172 0.44 -16.07 24.66
N ASN A 173 0.99 -14.98 24.14
CA ASN A 173 2.27 -14.49 24.52
C ASN A 173 2.36 -13.03 24.06
N ASN A 174 3.54 -12.44 24.24
CA ASN A 174 3.74 -11.05 23.86
C ASN A 174 3.38 -10.72 22.43
N VAL A 175 3.72 -11.62 21.50
CA VAL A 175 3.43 -11.40 20.09
C VAL A 175 1.94 -11.42 19.84
N LEU A 176 1.22 -12.43 20.34
CA LEU A 176 -0.22 -12.48 20.13
C LEU A 176 -0.87 -11.22 20.75
N HIS A 177 -0.41 -10.80 21.92
CA HIS A 177 -1.04 -9.64 22.55
C HIS A 177 -0.96 -8.41 21.64
N SER A 178 0.21 -8.18 21.05
CA SER A 178 0.34 -7.07 20.13
C SER A 178 -0.42 -7.31 18.83
N LEU A 179 -0.53 -8.57 18.40
CA LEU A 179 -1.28 -8.86 17.18
C LEU A 179 -2.75 -8.47 17.30
N VAL A 180 -3.33 -8.82 18.44
CA VAL A 180 -4.73 -8.44 18.61
CA VAL A 180 -4.70 -8.45 18.78
C VAL A 180 -4.88 -6.92 18.73
N GLU A 181 -3.93 -6.21 19.34
CA GLU A 181 -3.96 -4.75 19.28
C GLU A 181 -3.88 -4.23 17.84
N ALA A 182 -3.01 -4.85 17.04
CA ALA A 182 -2.88 -4.47 15.62
C ALA A 182 -4.16 -4.70 14.84
N ALA A 183 -4.90 -5.75 15.18
CA ALA A 183 -6.20 -6.03 14.51
C ALA A 183 -7.14 -4.85 14.67
N ALA A 184 -7.11 -4.21 15.84
CA ALA A 184 -7.88 -3.00 16.05
C ALA A 184 -7.32 -1.82 15.23
N ARG A 185 -6.03 -1.55 15.41
CA ARG A 185 -5.42 -0.38 14.80
C ARG A 185 -5.40 -0.40 13.26
N PHE A 186 -5.28 -1.60 12.69
CA PHE A 186 -5.24 -1.77 11.21
C PHE A 186 -6.51 -2.42 10.63
N ASP A 187 -7.54 -2.56 11.47
CA ASP A 187 -8.88 -2.96 11.01
CA ASP A 187 -8.87 -2.96 11.02
C ASP A 187 -8.86 -4.32 10.32
N PHE A 188 -8.36 -5.33 11.05
CA PHE A 188 -8.43 -6.70 10.56
C PHE A 188 -8.92 -7.62 11.67
N ASN A 189 -8.91 -8.92 11.39
CA ASN A 189 -9.49 -9.92 12.27
C ASN A 189 -8.47 -10.93 12.70
N VAL A 190 -8.65 -11.45 13.91
CA VAL A 190 -7.80 -12.51 14.40
C VAL A 190 -8.64 -13.64 14.97
N ASN A 191 -8.39 -14.86 14.46
CA ASN A 191 -8.94 -16.09 15.03
C ASN A 191 -7.86 -16.74 15.86
N ILE A 192 -8.22 -17.18 17.06
CA ILE A 192 -7.24 -17.66 18.02
C ILE A 192 -7.66 -19.04 18.47
N ALA A 193 -6.85 -20.05 18.15
CA ALA A 193 -7.10 -21.43 18.58
C ALA A 193 -6.16 -21.76 19.71
N THR A 194 -6.75 -21.99 20.88
CA THR A 194 -6.02 -22.14 22.12
CA THR A 194 -5.94 -22.28 22.08
C THR A 194 -6.69 -23.22 22.96
N PRO A 195 -5.94 -23.92 23.83
CA PRO A 195 -6.65 -24.82 24.73
C PRO A 195 -7.61 -24.10 25.65
N LYS A 196 -7.43 -22.79 25.83
CA LYS A 196 -8.32 -21.99 26.68
C LYS A 196 -9.72 -21.79 26.12
N GLY A 197 -9.90 -21.97 24.82
CA GLY A 197 -11.23 -21.99 24.23
C GLY A 197 -11.79 -20.61 23.99
N SER A 198 -13.12 -20.48 24.04
CA SER A 198 -13.76 -19.18 23.88
C SER A 198 -13.78 -18.37 25.18
N GLU A 199 -13.09 -18.86 26.22
CA GLU A 199 -12.96 -18.17 27.53
C GLU A 199 -11.50 -17.79 27.81
N PRO A 200 -10.89 -16.96 26.93
CA PRO A 200 -9.48 -16.65 27.17
C PRO A 200 -9.22 -15.72 28.36
N LYS A 201 -10.19 -14.86 28.69
CA LYS A 201 -10.01 -13.82 29.71
C LYS A 201 -8.76 -12.95 29.45
N SER A 202 -8.83 -12.09 28.43
CA SER A 202 -7.67 -11.32 27.98
C SER A 202 -7.97 -9.81 27.89
N GLN A 203 -7.19 -9.02 28.61
CA GLN A 203 -7.26 -7.55 28.54
C GLN A 203 -6.99 -7.06 27.13
N TYR A 204 -6.15 -7.78 26.41
CA TYR A 204 -5.81 -7.36 25.05
C TYR A 204 -6.96 -7.55 24.10
N ILE A 205 -7.60 -8.73 24.19
CA ILE A 205 -8.80 -9.03 23.37
C ILE A 205 -9.89 -8.01 23.70
N ASP A 206 -10.11 -7.78 24.99
CA ASP A 206 -11.15 -6.84 25.38
C ASP A 206 -10.87 -5.44 24.81
N TRP A 207 -9.64 -4.97 24.90
CA TRP A 207 -9.30 -3.66 24.33
C TRP A 207 -9.47 -3.66 22.80
N ALA A 208 -8.99 -4.70 22.15
CA ALA A 208 -9.07 -4.77 20.69
C ALA A 208 -10.52 -4.71 20.17
N ARG A 209 -11.38 -5.48 20.80
CA ARG A 209 -12.78 -5.48 20.42
C ARG A 209 -13.43 -4.12 20.59
N ALA A 210 -13.04 -3.44 21.67
CA ALA A 210 -13.61 -2.11 21.95
C ALA A 210 -13.08 -1.08 20.96
N ASN A 211 -11.95 -1.38 20.31
CA ASN A 211 -11.29 -0.48 19.37
C ASN A 211 -11.26 -0.91 17.90
N GLY A 212 -12.18 -1.78 17.50
CA GLY A 212 -12.42 -2.07 16.07
C GLY A 212 -12.01 -3.44 15.52
N ALA A 213 -11.41 -4.29 16.35
CA ALA A 213 -10.98 -5.60 15.89
C ALA A 213 -12.12 -6.62 15.92
N GLY A 214 -12.09 -7.56 14.98
CA GLY A 214 -12.90 -8.76 15.07
C GLY A 214 -12.01 -9.86 15.63
N ILE A 215 -12.39 -10.41 16.79
CA ILE A 215 -11.62 -11.47 17.44
C ILE A 215 -12.54 -12.66 17.69
N MET A 216 -12.12 -13.85 17.27
CA MET A 216 -12.84 -15.09 17.57
C MET A 216 -11.87 -16.04 18.27
N SER A 217 -12.30 -16.61 19.40
CA SER A 217 -11.49 -17.52 20.19
C SER A 217 -12.14 -18.89 20.17
N THR A 218 -11.35 -19.94 19.96
CA THR A 218 -11.85 -21.31 19.82
C THR A 218 -10.81 -22.29 20.33
N THR A 219 -11.25 -23.49 20.74
CA THR A 219 -10.29 -24.59 20.96
C THR A 219 -9.83 -25.30 19.67
N ASP A 220 -10.51 -25.05 18.55
CA ASP A 220 -10.41 -25.87 17.35
C ASP A 220 -9.50 -25.22 16.29
N PRO A 221 -8.33 -25.83 16.01
CA PRO A 221 -7.43 -25.18 15.04
C PRO A 221 -8.04 -25.06 13.66
N GLU A 222 -8.78 -26.09 13.22
CA GLU A 222 -9.38 -26.05 11.90
C GLU A 222 -10.38 -24.90 11.80
N LYS A 223 -11.17 -24.65 12.85
CA LYS A 223 -12.13 -23.55 12.82
C LYS A 223 -11.44 -22.19 12.70
N ALA A 224 -10.35 -22.03 13.41
CA ALA A 224 -9.57 -20.77 13.33
C ALA A 224 -8.90 -20.59 11.99
N ALA A 225 -8.31 -21.68 11.48
CA ALA A 225 -7.53 -21.61 10.25
C ALA A 225 -8.39 -21.45 9.01
N SER A 226 -9.64 -21.94 9.05
CA SER A 226 -10.43 -22.04 7.83
C SER A 226 -10.52 -20.71 7.12
N GLY A 227 -10.04 -20.67 5.88
CA GLY A 227 -10.13 -19.51 5.02
C GLY A 227 -9.23 -18.36 5.42
N ALA A 228 -8.39 -18.53 6.44
CA ALA A 228 -7.55 -17.44 6.94
C ALA A 228 -6.49 -17.00 5.93
N ASP A 229 -6.07 -15.75 6.06
CA ASP A 229 -5.11 -15.13 5.16
C ASP A 229 -3.67 -15.26 5.65
N CYS A 230 -3.52 -15.59 6.94
CA CYS A 230 -2.19 -15.73 7.52
C CYS A 230 -2.34 -16.63 8.73
N ILE A 231 -1.44 -17.60 8.83
CA ILE A 231 -1.40 -18.54 9.95
C ILE A 231 -0.12 -18.18 10.69
N VAL A 232 -0.24 -18.03 12.03
CA VAL A 232 0.85 -17.58 12.88
C VAL A 232 0.93 -18.50 14.09
N THR A 233 2.16 -18.78 14.51
CA THR A 233 2.34 -19.50 15.79
C THR A 233 3.68 -19.09 16.40
N ASP A 234 4.05 -19.72 17.51
CA ASP A 234 5.30 -19.41 18.16
C ASP A 234 5.69 -20.66 18.95
N THR A 235 6.85 -20.62 19.62
CA THR A 235 7.35 -21.80 20.33
C THR A 235 6.49 -22.18 21.52
N TRP A 236 6.53 -23.45 21.84
CA TRP A 236 5.84 -23.98 23.02
C TRP A 236 6.30 -23.28 24.29
N VAL A 237 7.59 -23.04 24.46
CA VAL A 237 8.08 -22.29 25.61
CA VAL A 237 8.06 -22.29 25.64
C VAL A 237 7.52 -20.87 25.66
N SER A 238 7.50 -20.19 24.51
CA SER A 238 7.05 -18.82 24.52
C SER A 238 5.57 -18.71 24.86
N MET A 239 4.83 -19.79 24.59
CA MET A 239 3.40 -19.89 24.83
C MET A 239 3.04 -20.51 26.18
N GLY A 240 4.03 -20.61 27.07
CA GLY A 240 3.79 -20.91 28.48
C GLY A 240 4.07 -22.33 28.92
N GLN A 241 4.58 -23.17 28.03
CA GLN A 241 4.91 -24.56 28.42
C GLN A 241 6.41 -24.72 28.50
N GLU A 242 6.92 -24.69 29.73
CA GLU A 242 8.35 -24.83 30.01
C GLU A 242 8.78 -26.28 29.79
N ASP A 243 7.89 -27.23 30.02
CA ASP A 243 8.21 -28.65 29.84
C ASP A 243 8.03 -29.08 28.39
N HIS A 244 8.99 -29.84 27.85
CA HIS A 244 8.96 -30.26 26.45
C HIS A 244 7.85 -31.27 26.19
N ALA A 245 7.78 -32.32 27.02
CA ALA A 245 6.75 -33.35 26.88
C ALA A 245 5.37 -32.81 27.18
N ARG A 246 5.25 -31.96 28.19
CA ARG A 246 3.98 -31.30 28.49
C ARG A 246 3.58 -30.38 27.32
N GLY A 247 4.55 -29.56 26.88
CA GLY A 247 4.38 -28.68 25.71
C GLY A 247 3.87 -29.50 24.54
N HIS A 248 4.63 -30.52 24.15
CA HIS A 248 4.22 -31.46 23.12
C HIS A 248 2.80 -31.89 23.38
N ASN A 249 2.55 -32.26 24.64
CA ASN A 249 1.23 -32.70 25.03
C ASN A 249 0.14 -31.65 24.80
N VAL A 250 0.20 -30.43 25.37
CA VAL A 250 -0.98 -29.53 25.20
C VAL A 250 -1.00 -28.85 23.84
N PHE A 251 0.18 -28.67 23.26
CA PHE A 251 0.26 -27.93 21.98
C PHE A 251 0.32 -28.80 20.72
N ILE A 252 0.60 -30.10 20.80
CA ILE A 252 0.70 -30.86 19.53
C ILE A 252 -0.57 -30.75 18.67
N PRO A 253 -1.77 -30.71 19.27
CA PRO A 253 -2.92 -30.54 18.37
C PRO A 253 -2.97 -29.22 17.60
N TYR A 254 -2.21 -28.23 18.08
CA TYR A 254 -2.17 -26.88 17.49
C TYR A 254 -1.03 -26.71 16.51
N GLN A 255 -0.28 -27.78 16.23
CA GLN A 255 0.85 -27.68 15.31
C GLN A 255 0.44 -27.14 13.95
N VAL A 256 1.26 -26.24 13.40
CA VAL A 256 1.07 -25.77 12.04
C VAL A 256 1.81 -26.74 11.10
N ASN A 257 1.03 -27.51 10.35
CA ASN A 257 1.55 -28.55 9.45
C ASN A 257 0.84 -28.35 8.12
N ALA A 258 1.18 -29.17 7.11
CA ALA A 258 0.58 -29.03 5.80
C ALA A 258 -0.94 -29.19 5.82
N ASN A 259 -1.43 -30.14 6.60
CA ASN A 259 -2.86 -30.31 6.73
C ASN A 259 -3.58 -29.07 7.26
N LEU A 260 -2.98 -28.37 8.20
CA LEU A 260 -3.59 -27.16 8.72
C LEU A 260 -3.54 -26.03 7.69
N MET A 261 -2.39 -25.85 7.06
CA MET A 261 -2.24 -24.80 6.04
C MET A 261 -3.23 -25.00 4.90
N ALA A 262 -3.54 -26.25 4.55
CA ALA A 262 -4.49 -26.52 3.46
C ALA A 262 -5.92 -26.06 3.80
N LYS A 263 -6.23 -25.87 5.08
CA LYS A 263 -7.55 -25.34 5.49
C LYS A 263 -7.64 -23.84 5.31
N ALA A 264 -6.50 -23.17 5.26
CA ALA A 264 -6.50 -21.72 5.09
C ALA A 264 -6.78 -21.28 3.64
N ASP A 265 -6.92 -19.98 3.42
CA ASP A 265 -7.02 -19.47 2.06
C ASP A 265 -5.85 -20.00 1.25
N PRO A 266 -6.04 -20.29 -0.04
CA PRO A 266 -4.94 -20.80 -0.83
C PRO A 266 -3.75 -19.87 -0.91
N LYS A 267 -3.95 -18.57 -0.72
CA LYS A 267 -2.86 -17.63 -0.78
C LYS A 267 -2.33 -17.31 0.63
N ALA A 268 -2.71 -18.10 1.63
CA ALA A 268 -2.29 -17.78 2.99
C ALA A 268 -0.77 -17.73 3.13
N LEU A 269 -0.35 -16.84 4.02
CA LEU A 269 1.04 -16.78 4.44
C LEU A 269 1.19 -17.52 5.78
N PHE A 270 2.41 -17.95 6.04
CA PHE A 270 2.80 -18.47 7.37
C PHE A 270 3.83 -17.54 8.01
N MET A 271 3.55 -17.13 9.25
CA MET A 271 4.45 -16.26 10.04
C MET A 271 4.81 -16.86 11.37
N HIS A 272 5.99 -16.47 11.86
CA HIS A 272 6.52 -16.96 13.14
C HIS A 272 7.64 -16.00 13.51
N CYS A 273 7.48 -15.39 14.68
N CYS A 273 7.63 -15.45 14.72
CA CYS A 273 8.57 -14.65 15.33
CA CYS A 273 8.60 -14.39 15.07
C CYS A 273 9.53 -15.71 15.81
C CYS A 273 10.09 -14.75 15.31
N LEU A 274 10.52 -15.95 15.02
CA LEU A 274 11.77 -16.58 15.42
C LEU A 274 12.34 -16.33 16.81
N PRO A 275 13.05 -17.33 17.36
CA PRO A 275 13.40 -18.61 16.76
C PRO A 275 12.24 -19.60 16.70
N ALA A 276 12.33 -20.54 15.78
CA ALA A 276 11.35 -21.62 15.61
C ALA A 276 11.98 -22.96 15.90
N HIS A 277 11.13 -23.93 16.28
CA HIS A 277 11.56 -25.32 16.46
C HIS A 277 10.84 -26.28 15.55
N ARG A 278 11.47 -26.63 14.42
CA ARG A 278 10.85 -27.49 13.44
C ARG A 278 10.50 -28.81 14.08
N GLY A 279 9.31 -29.28 13.74
CA GLY A 279 8.76 -30.53 14.23
C GLY A 279 7.97 -30.37 15.51
N GLU A 280 8.02 -29.19 16.12
CA GLU A 280 7.22 -28.87 17.30
C GLU A 280 6.01 -28.03 16.89
N GLU A 281 6.08 -26.70 16.99
CA GLU A 281 4.93 -25.85 16.65
C GLU A 281 4.67 -25.72 15.13
N VAL A 282 5.68 -26.07 14.32
CA VAL A 282 5.56 -25.99 12.85
C VAL A 282 6.45 -27.07 12.26
N THR A 283 6.03 -27.66 11.15
CA THR A 283 6.86 -28.63 10.46
C THR A 283 7.81 -27.97 9.48
N ASP A 284 8.87 -28.70 9.12
CA ASP A 284 9.84 -28.22 8.13
C ASP A 284 9.13 -27.81 6.88
N GLU A 285 8.18 -28.61 6.43
CA GLU A 285 7.64 -28.41 5.11
C GLU A 285 6.83 -27.11 5.05
N VAL A 286 6.23 -26.68 6.16
CA VAL A 286 5.55 -25.38 6.20
C VAL A 286 6.55 -24.22 6.31
N ILE A 287 7.43 -24.22 7.33
CA ILE A 287 8.28 -23.06 7.55
C ILE A 287 9.30 -22.87 6.44
N ASP A 288 9.69 -23.95 5.79
CA ASP A 288 10.64 -23.86 4.66
C ASP A 288 9.94 -24.00 3.32
N GLY A 289 8.62 -23.91 3.32
CA GLY A 289 7.82 -24.08 2.11
C GLY A 289 7.41 -22.76 1.49
N PRO A 290 6.60 -22.83 0.45
CA PRO A 290 6.31 -21.64 -0.32
C PRO A 290 5.35 -20.61 0.28
N GLN A 291 4.65 -20.94 1.37
CA GLN A 291 3.76 -20.02 2.02
C GLN A 291 4.46 -19.29 3.16
N SER A 292 5.66 -19.72 3.51
CA SER A 292 6.35 -19.12 4.66
C SER A 292 6.99 -17.79 4.28
N VAL A 293 6.86 -16.81 5.17
CA VAL A 293 7.52 -15.51 4.98
C VAL A 293 8.38 -15.17 6.22
N VAL A 294 8.79 -16.20 6.96
CA VAL A 294 9.47 -15.95 8.24
C VAL A 294 10.75 -15.14 8.09
N PHE A 295 11.52 -15.34 7.01
CA PHE A 295 12.79 -14.60 6.87
C PHE A 295 12.58 -13.17 6.40
N ASP A 296 11.58 -12.95 5.56
CA ASP A 296 11.17 -11.59 5.20
C ASP A 296 10.65 -10.85 6.42
N GLU A 297 9.88 -11.53 7.22
CA GLU A 297 9.35 -11.01 8.47
C GLU A 297 10.52 -10.55 9.39
N ALA A 298 11.53 -11.41 9.50
CA ALA A 298 12.74 -11.09 10.27
C ALA A 298 13.46 -9.89 9.71
N GLU A 299 13.63 -9.85 8.39
CA GLU A 299 14.28 -8.69 7.76
C GLU A 299 13.50 -7.44 8.11
N ASN A 300 12.18 -7.53 8.11
CA ASN A 300 11.35 -6.36 8.34
C ASN A 300 11.37 -5.83 9.76
N ARG A 301 11.97 -6.58 10.70
CA ARG A 301 12.30 -5.93 11.97
C ARG A 301 13.17 -4.71 11.73
N LEU A 302 14.19 -4.85 10.92
CA LEU A 302 15.06 -3.72 10.58
C LEU A 302 14.24 -2.57 9.96
N HIS A 303 13.44 -2.87 8.93
CA HIS A 303 12.80 -1.79 8.18
C HIS A 303 11.68 -1.12 8.98
N ALA A 304 10.93 -1.92 9.73
CA ALA A 304 9.86 -1.35 10.58
C ALA A 304 10.44 -0.52 11.72
N GLN A 305 11.48 -1.04 12.36
CA GLN A 305 12.07 -0.35 13.50
C GLN A 305 12.78 0.92 13.08
N LYS A 306 13.28 0.99 11.86
CA LYS A 306 13.85 2.24 11.32
CA LYS A 306 13.86 2.21 11.36
C LYS A 306 12.80 3.33 11.30
N ALA A 307 11.61 2.98 10.82
CA ALA A 307 10.53 3.93 10.72
C ALA A 307 10.01 4.33 12.11
N ILE A 308 10.01 3.41 13.06
CA ILE A 308 9.65 3.77 14.45
C ILE A 308 10.70 4.75 15.02
N LEU A 309 11.97 4.45 14.83
CA LEU A 309 13.03 5.36 15.29
C LEU A 309 12.87 6.74 14.66
N ALA A 310 12.62 6.79 13.37
CA ALA A 310 12.50 8.05 12.68
C ALA A 310 11.32 8.85 13.20
N TRP A 311 10.21 8.19 13.48
CA TRP A 311 9.02 8.80 14.04
C TRP A 311 9.31 9.37 15.43
N CYS A 312 9.99 8.61 16.25
CA CYS A 312 10.35 9.06 17.61
C CYS A 312 11.30 10.26 17.57
N LEU A 313 12.25 10.24 16.64
CA LEU A 313 13.32 11.25 16.58
C LEU A 313 12.91 12.55 15.87
N GLN A 314 11.79 12.54 15.16
CA GLN A 314 11.38 13.65 14.31
C GLN A 314 11.19 14.92 15.14
N ASP A 315 11.38 16.07 14.49
CA ASP A 315 11.03 17.40 15.04
C ASP A 315 12.03 17.87 16.08
N GLY B 14 -26.22 -7.07 -17.77
CA GLY B 14 -25.23 -7.26 -16.65
C GLY B 14 -23.75 -7.44 -17.04
N ILE B 15 -23.42 -7.19 -18.30
CA ILE B 15 -22.02 -7.29 -18.77
C ILE B 15 -21.23 -6.16 -18.14
N LYS B 16 -20.05 -6.47 -17.60
CA LYS B 16 -19.26 -5.51 -16.85
C LYS B 16 -18.35 -4.74 -17.79
N HIS B 17 -18.95 -3.88 -18.60
CA HIS B 17 -18.16 -2.98 -19.40
C HIS B 17 -17.42 -1.98 -18.53
N PHE B 18 -16.30 -1.45 -19.05
CA PHE B 18 -15.57 -0.41 -18.34
C PHE B 18 -15.39 0.76 -19.30
N ILE B 19 -16.43 1.58 -19.40
CA ILE B 19 -16.50 2.67 -20.39
C ILE B 19 -15.92 3.97 -19.86
N ASP B 20 -16.32 4.38 -18.67
CA ASP B 20 -15.84 5.63 -18.08
C ASP B 20 -15.99 5.55 -16.57
N LEU B 21 -15.27 6.41 -15.85
CA LEU B 21 -15.42 6.48 -14.42
C LEU B 21 -16.87 6.85 -14.03
N SER B 22 -17.53 7.67 -14.87
CA SER B 22 -18.92 8.06 -14.61
C SER B 22 -19.94 6.98 -14.92
N THR B 23 -19.51 5.82 -15.46
CA THR B 23 -20.43 4.74 -15.78
C THR B 23 -20.20 3.53 -14.91
N VAL B 24 -19.29 3.65 -13.94
CA VAL B 24 -19.03 2.57 -13.00
C VAL B 24 -19.25 3.09 -11.58
N PRO B 25 -19.91 2.30 -10.71
CA PRO B 25 -20.16 2.83 -9.36
C PRO B 25 -18.90 3.11 -8.57
N ALA B 26 -18.97 4.16 -7.76
CA ALA B 26 -17.88 4.55 -6.87
C ALA B 26 -17.35 3.38 -6.03
N THR B 27 -18.23 2.56 -5.47
CA THR B 27 -17.74 1.45 -4.63
C THR B 27 -17.00 0.40 -5.44
N GLU B 28 -17.40 0.22 -6.68
CA GLU B 28 -16.72 -0.75 -7.57
C GLU B 28 -15.34 -0.19 -7.95
N LEU B 29 -15.28 1.09 -8.30
CA LEU B 29 -13.99 1.71 -8.62
C LEU B 29 -13.02 1.62 -7.45
N ARG B 30 -13.50 1.85 -6.24
CA ARG B 30 -12.65 1.67 -5.05
C ARG B 30 -12.23 0.21 -4.93
N ALA B 31 -13.14 -0.74 -5.14
CA ALA B 31 -12.78 -2.16 -5.06
C ALA B 31 -11.70 -2.51 -6.08
N ILE B 32 -11.77 -1.91 -7.27
CA ILE B 32 -10.79 -2.17 -8.31
C ILE B 32 -9.43 -1.64 -7.85
N LEU B 33 -9.39 -0.43 -7.28
CA LEU B 33 -8.12 0.12 -6.81
C LEU B 33 -7.51 -0.71 -5.69
N GLU B 34 -8.34 -1.17 -4.78
CA GLU B 34 -7.80 -2.01 -3.68
C GLU B 34 -7.28 -3.35 -4.21
N ASP B 35 -8.01 -3.93 -5.15
CA ASP B 35 -7.52 -5.14 -5.80
C ASP B 35 -6.23 -4.88 -6.58
N ALA B 36 -6.11 -3.71 -7.23
CA ALA B 36 -4.85 -3.38 -7.90
C ALA B 36 -3.66 -3.40 -6.95
N LYS B 37 -3.87 -2.89 -5.74
CA LYS B 37 -2.81 -2.90 -4.73
C LYS B 37 -2.42 -4.32 -4.32
N ALA B 38 -3.43 -5.17 -4.15
CA ALA B 38 -3.21 -6.56 -3.77
C ALA B 38 -2.46 -7.32 -4.85
N ARG B 39 -2.93 -7.22 -6.10
CA ARG B 39 -2.29 -7.98 -7.17
C ARG B 39 -0.86 -7.50 -7.41
N LYS B 40 -0.63 -6.21 -7.26
CA LYS B 40 0.71 -5.65 -7.43
C LYS B 40 1.65 -6.19 -6.38
N ALA B 41 1.18 -6.25 -5.13
CA ALA B 41 2.01 -6.80 -4.06
C ALA B 41 2.35 -8.25 -4.33
N ARG B 42 1.34 -9.05 -4.70
CA ARG B 42 1.61 -10.46 -4.98
C ARG B 42 2.63 -10.62 -6.11
N LEU B 43 2.50 -9.78 -7.13
CA LEU B 43 3.44 -9.84 -8.26
C LEU B 43 4.85 -9.50 -7.81
N LYS B 44 4.99 -8.41 -7.08
CA LYS B 44 6.30 -7.98 -6.60
C LYS B 44 6.92 -9.02 -5.70
N ALA B 45 6.11 -9.76 -4.95
CA ALA B 45 6.60 -10.79 -4.07
C ALA B 45 6.92 -12.11 -4.77
N GLY B 46 6.72 -12.19 -6.07
CA GLY B 46 7.13 -13.34 -6.83
C GLY B 46 6.05 -14.32 -7.29
N GLU B 47 4.78 -14.00 -7.02
CA GLU B 47 3.72 -14.86 -7.48
C GLU B 47 3.55 -14.80 -8.99
N VAL B 48 3.47 -15.97 -9.58
CA VAL B 48 3.05 -16.15 -10.95
C VAL B 48 1.81 -17.02 -10.89
N GLU B 49 0.68 -16.44 -11.27
CA GLU B 49 -0.59 -17.14 -11.22
C GLU B 49 -1.34 -16.99 -12.51
N ARG B 50 -2.36 -17.83 -12.68
CA ARG B 50 -3.15 -17.88 -13.92
C ARG B 50 -4.64 -18.00 -13.66
N PRO B 51 -5.23 -17.05 -12.90
CA PRO B 51 -6.65 -17.09 -12.61
C PRO B 51 -7.56 -16.99 -13.83
N TYR B 52 -7.09 -16.33 -14.89
CA TYR B 52 -7.86 -16.17 -16.12
C TYR B 52 -7.20 -16.91 -17.30
N ALA B 53 -6.58 -18.04 -16.98
CA ALA B 53 -6.13 -18.97 -18.01
C ALA B 53 -7.32 -19.28 -18.96
N GLY B 54 -7.05 -19.26 -20.27
CA GLY B 54 -8.09 -19.52 -21.24
C GLY B 54 -8.95 -18.34 -21.65
N LYS B 55 -8.70 -17.16 -21.05
CA LYS B 55 -9.39 -15.97 -21.46
C LYS B 55 -8.53 -15.17 -22.42
N VAL B 56 -9.18 -14.51 -23.37
CA VAL B 56 -8.50 -13.73 -24.41
C VAL B 56 -9.05 -12.33 -24.47
N LEU B 57 -8.11 -11.37 -24.50
CA LEU B 57 -8.42 -9.99 -24.71
C LEU B 57 -8.08 -9.56 -26.15
N ALA B 58 -9.07 -9.14 -26.93
CA ALA B 58 -8.83 -8.46 -28.20
C ALA B 58 -8.49 -7.04 -27.88
N MET B 59 -7.45 -6.51 -28.51
CA MET B 59 -7.07 -5.11 -28.33
C MET B 59 -7.18 -4.40 -29.67
N ILE B 60 -8.22 -3.58 -29.82
CA ILE B 60 -8.46 -2.86 -31.06
C ILE B 60 -7.90 -1.46 -30.93
N PHE B 61 -6.88 -1.14 -31.73
CA PHE B 61 -6.27 0.19 -31.71
C PHE B 61 -6.58 0.93 -32.99
N GLU B 62 -7.56 1.80 -32.94
CA GLU B 62 -7.86 2.64 -34.11
C GLU B 62 -6.89 3.80 -34.21
N LYS B 63 -6.21 4.10 -33.12
CA LYS B 63 -5.08 5.00 -33.16
CA LYS B 63 -5.11 5.05 -33.12
C LYS B 63 -3.98 4.38 -32.30
N LEU B 64 -2.75 4.63 -32.73
CA LEU B 64 -1.53 4.13 -32.07
C LEU B 64 -1.42 4.55 -30.60
N SER B 65 -1.17 3.59 -29.71
CA SER B 65 -0.70 3.93 -28.34
C SER B 65 0.10 2.78 -27.84
N THR B 66 1.41 2.84 -28.02
CA THR B 66 2.25 1.74 -27.64
C THR B 66 2.29 1.51 -26.13
N ARG B 67 2.32 2.57 -25.34
CA ARG B 67 2.33 2.37 -23.90
C ARG B 67 1.09 1.70 -23.38
N THR B 68 -0.05 2.00 -23.99
CA THR B 68 -1.31 1.38 -23.68
C THR B 68 -1.32 -0.10 -24.11
N ARG B 69 -0.82 -0.36 -25.30
CA ARG B 69 -0.68 -1.73 -25.74
C ARG B 69 0.18 -2.59 -24.82
N VAL B 70 1.37 -2.09 -24.50
CA VAL B 70 2.27 -2.89 -23.70
C VAL B 70 1.70 -3.14 -22.32
N SER B 71 1.17 -2.10 -21.70
CA SER B 71 0.64 -2.23 -20.34
C SER B 71 -0.54 -3.19 -20.26
N PHE B 72 -1.46 -3.12 -21.21
CA PHE B 72 -2.56 -4.10 -21.25
C PHE B 72 -2.08 -5.50 -21.56
N ASP B 73 -1.15 -5.63 -22.49
CA ASP B 73 -0.62 -6.95 -22.89
C ASP B 73 0.02 -7.63 -21.70
N VAL B 74 0.93 -6.95 -21.02
CA VAL B 74 1.61 -7.58 -19.90
C VAL B 74 0.61 -7.90 -18.77
N GLY B 75 -0.34 -7.00 -18.54
CA GLY B 75 -1.29 -7.22 -17.48
C GLY B 75 -2.14 -8.44 -17.72
N MET B 76 -2.66 -8.56 -18.91
CA MET B 76 -3.48 -9.73 -19.24
C MET B 76 -2.68 -11.01 -19.13
N ARG B 77 -1.44 -10.99 -19.58
CA ARG B 77 -0.60 -12.17 -19.48
CA ARG B 77 -0.61 -12.17 -19.48
C ARG B 77 -0.30 -12.55 -18.02
N GLN B 78 -0.11 -11.55 -17.17
CA GLN B 78 0.09 -11.84 -15.73
C GLN B 78 -1.14 -12.42 -15.07
N LEU B 79 -2.33 -12.20 -15.64
CA LEU B 79 -3.55 -12.86 -15.16
C LEU B 79 -3.70 -14.27 -15.73
N GLY B 80 -2.77 -14.67 -16.59
CA GLY B 80 -2.84 -15.96 -17.27
C GLY B 80 -3.53 -15.97 -18.60
N GLY B 81 -3.96 -14.79 -19.05
CA GLY B 81 -4.70 -14.68 -20.29
C GLY B 81 -3.80 -14.45 -21.48
N GLU B 82 -4.47 -14.28 -22.61
CA GLU B 82 -3.93 -14.09 -23.93
CA GLU B 82 -3.79 -14.03 -23.86
C GLU B 82 -4.37 -12.76 -24.47
N THR B 83 -3.58 -12.11 -25.32
CA THR B 83 -4.01 -10.91 -26.01
C THR B 83 -3.82 -11.06 -27.53
N ILE B 84 -4.67 -10.34 -28.25
CA ILE B 84 -4.56 -10.23 -29.72
C ILE B 84 -4.51 -8.78 -30.10
N MET B 85 -3.42 -8.35 -30.67
CA MET B 85 -3.23 -6.95 -31.10
C MET B 85 -3.80 -6.72 -32.47
N LEU B 86 -4.81 -5.86 -32.57
CA LEU B 86 -5.43 -5.52 -33.85
C LEU B 86 -5.28 -4.06 -34.13
N THR B 87 -4.72 -3.73 -35.30
CA THR B 87 -4.68 -2.31 -35.72
C THR B 87 -5.99 -1.85 -36.39
N GLY B 88 -6.15 -0.52 -36.58
CA GLY B 88 -7.37 0.00 -37.20
C GLY B 88 -7.48 -0.47 -38.64
N SER B 89 -6.31 -0.62 -39.26
CA SER B 89 -6.12 -1.20 -40.59
C SER B 89 -6.66 -2.63 -40.67
N GLU B 90 -6.40 -3.43 -39.64
CA GLU B 90 -6.98 -4.79 -39.55
C GLU B 90 -8.49 -4.84 -39.21
N MET B 91 -9.02 -3.88 -38.47
CA MET B 91 -10.43 -3.98 -38.07
CA MET B 91 -10.41 -3.94 -38.02
C MET B 91 -11.40 -3.37 -39.05
N GLN B 92 -11.04 -2.24 -39.64
CA GLN B 92 -11.93 -1.49 -40.55
C GLN B 92 -13.35 -1.38 -39.95
N LEU B 93 -13.42 -0.89 -38.72
CA LEU B 93 -14.65 -0.90 -37.94
C LEU B 93 -15.79 -0.04 -38.46
N GLY B 94 -16.91 -0.70 -38.72
CA GLY B 94 -17.96 -0.11 -39.52
C GLY B 94 -17.60 -0.02 -40.99
N ARG B 95 -16.40 -0.46 -41.38
CA ARG B 95 -15.93 -0.29 -42.76
C ARG B 95 -16.33 -1.46 -43.62
N SER B 96 -16.08 -2.67 -43.12
CA SER B 96 -16.33 -3.86 -43.93
CA SER B 96 -16.32 -3.89 -43.90
C SER B 96 -17.65 -4.58 -43.58
N GLU B 97 -18.26 -4.22 -42.45
CA GLU B 97 -19.51 -4.81 -42.02
C GLU B 97 -20.05 -3.90 -40.91
N THR B 98 -21.27 -4.14 -40.45
CA THR B 98 -21.79 -3.34 -39.35
C THR B 98 -21.01 -3.59 -38.09
N ILE B 99 -20.95 -2.57 -37.24
CA ILE B 99 -20.32 -2.73 -35.95
C ILE B 99 -21.00 -3.86 -35.16
N ALA B 100 -22.33 -3.97 -35.26
CA ALA B 100 -23.07 -5.07 -34.60
C ALA B 100 -22.51 -6.42 -35.02
N ASP B 101 -22.25 -6.59 -36.30
CA ASP B 101 -21.74 -7.88 -36.77
C ASP B 101 -20.35 -8.13 -36.25
N THR B 102 -19.49 -7.11 -36.23
CA THR B 102 -18.13 -7.28 -35.73
C THR B 102 -18.16 -7.65 -34.26
N ALA B 103 -18.96 -6.90 -33.49
CA ALA B 103 -19.10 -7.15 -32.06
C ALA B 103 -19.57 -8.56 -31.76
N LYS B 104 -20.57 -9.03 -32.49
CA LYS B 104 -21.16 -10.34 -32.22
CA LYS B 104 -21.13 -10.34 -32.19
C LYS B 104 -20.16 -11.46 -32.55
N VAL B 105 -19.46 -11.32 -33.66
CA VAL B 105 -18.49 -12.35 -34.00
C VAL B 105 -17.28 -12.32 -33.09
N LEU B 106 -16.74 -11.14 -32.79
CA LEU B 106 -15.59 -11.10 -31.93
CA LEU B 106 -15.62 -11.04 -31.85
C LEU B 106 -15.95 -11.69 -30.54
N SER B 107 -17.19 -11.46 -30.08
CA SER B 107 -17.68 -12.00 -28.79
C SER B 107 -17.72 -13.51 -28.80
N ARG B 108 -17.79 -14.14 -29.97
CA ARG B 108 -17.72 -15.58 -30.09
C ARG B 108 -16.30 -16.15 -29.94
N TYR B 109 -15.28 -15.32 -30.08
CA TYR B 109 -13.90 -15.76 -30.05
C TYR B 109 -13.15 -15.34 -28.81
N VAL B 110 -13.47 -14.17 -28.26
CA VAL B 110 -12.70 -13.60 -27.15
C VAL B 110 -13.57 -13.34 -25.95
N ASP B 111 -12.94 -12.96 -24.84
CA ASP B 111 -13.64 -12.77 -23.57
C ASP B 111 -13.76 -11.36 -23.11
N ALA B 112 -13.04 -10.46 -23.77
CA ALA B 112 -13.13 -9.02 -23.48
C ALA B 112 -12.52 -8.31 -24.68
N ILE B 113 -12.94 -7.07 -24.88
CA ILE B 113 -12.46 -6.26 -26.01
C ILE B 113 -12.01 -4.91 -25.45
N MET B 114 -10.72 -4.64 -25.55
CA MET B 114 -10.18 -3.33 -25.25
C MET B 114 -10.25 -2.53 -26.54
N ILE B 115 -10.64 -1.26 -26.47
CA ILE B 115 -10.59 -0.41 -27.66
C ILE B 115 -10.01 0.97 -27.37
N ARG B 116 -9.14 1.40 -28.28
CA ARG B 116 -8.65 2.75 -28.31
C ARG B 116 -9.21 3.33 -29.59
N THR B 117 -10.07 4.29 -29.43
CA THR B 117 -10.62 4.90 -30.62
C THR B 117 -10.61 6.40 -30.56
N THR B 118 -11.15 6.97 -31.61
CA THR B 118 -11.25 8.41 -31.69
C THR B 118 -12.59 8.80 -31.13
N ALA B 119 -13.63 8.55 -31.92
CA ALA B 119 -15.00 8.90 -31.51
C ALA B 119 -15.60 7.96 -30.46
N HIS B 120 -16.00 8.55 -29.35
CA HIS B 120 -16.62 7.82 -28.24
C HIS B 120 -17.78 6.93 -28.73
N GLU B 121 -18.58 7.43 -29.66
CA GLU B 121 -19.79 6.73 -30.09
C GLU B 121 -19.46 5.37 -30.72
N ARG B 122 -18.28 5.23 -31.33
CA ARG B 122 -17.87 3.96 -31.97
C ARG B 122 -17.67 2.92 -30.87
N MET B 123 -17.05 3.32 -29.77
CA MET B 123 -16.91 2.44 -28.61
CA MET B 123 -16.92 2.43 -28.62
C MET B 123 -18.28 2.08 -28.03
N LEU B 124 -19.18 3.06 -27.92
CA LEU B 124 -20.50 2.74 -27.39
C LEU B 124 -21.29 1.77 -28.26
N GLU B 125 -21.18 1.87 -29.58
CA GLU B 125 -21.87 0.94 -30.44
C GLU B 125 -21.28 -0.48 -30.30
N LEU B 126 -19.96 -0.55 -30.16
CA LEU B 126 -19.32 -1.86 -29.96
C LEU B 126 -19.86 -2.48 -28.69
N ALA B 127 -19.91 -1.70 -27.61
CA ALA B 127 -20.41 -2.21 -26.34
C ALA B 127 -21.88 -2.60 -26.39
N GLU B 128 -22.68 -1.85 -27.15
CA GLU B 128 -24.10 -2.16 -27.28
C GLU B 128 -24.34 -3.59 -27.75
N TYR B 129 -23.54 -4.04 -28.72
CA TYR B 129 -23.78 -5.30 -29.39
C TYR B 129 -22.87 -6.42 -28.92
N ALA B 130 -21.79 -6.09 -28.21
CA ALA B 130 -20.91 -7.13 -27.68
C ALA B 130 -21.57 -7.91 -26.57
N THR B 131 -21.22 -9.18 -26.43
CA THR B 131 -21.71 -10.02 -25.34
C THR B 131 -20.63 -10.29 -24.31
N VAL B 132 -19.52 -9.59 -24.47
CA VAL B 132 -18.40 -9.61 -23.54
C VAL B 132 -18.05 -8.15 -23.20
N PRO B 133 -17.30 -7.93 -22.11
CA PRO B 133 -16.98 -6.55 -21.70
C PRO B 133 -16.12 -5.82 -22.70
N VAL B 134 -16.43 -4.54 -22.85
CA VAL B 134 -15.67 -3.60 -23.67
C VAL B 134 -15.01 -2.62 -22.71
N ILE B 135 -13.73 -2.39 -22.91
CA ILE B 135 -12.91 -1.56 -22.03
C ILE B 135 -12.37 -0.37 -22.85
N ASN B 136 -12.62 0.82 -22.32
CA ASN B 136 -12.13 2.08 -22.92
C ASN B 136 -10.65 2.25 -22.58
N ALA B 137 -9.78 1.94 -23.54
CA ALA B 137 -8.34 2.07 -23.32
C ALA B 137 -7.95 3.52 -23.27
N LEU B 138 -8.59 4.32 -24.14
CA LEU B 138 -8.72 5.77 -24.20
C LEU B 138 -9.48 6.20 -25.50
N THR B 139 -10.09 7.37 -25.44
CA THR B 139 -10.72 7.99 -26.59
C THR B 139 -10.18 9.43 -26.65
N ASP B 140 -10.59 10.19 -27.65
CA ASP B 140 -10.12 11.58 -27.61
C ASP B 140 -10.83 12.37 -26.53
N ASP B 141 -11.93 11.83 -25.97
CA ASP B 141 -12.73 12.50 -24.94
C ASP B 141 -12.41 12.12 -23.49
N THR B 142 -12.06 10.86 -23.24
CA THR B 142 -11.77 10.45 -21.87
C THR B 142 -10.63 9.42 -21.82
N HIS B 143 -10.11 9.23 -20.62
CA HIS B 143 -8.98 8.29 -20.39
C HIS B 143 -9.08 7.72 -18.98
N PRO B 144 -10.11 6.93 -18.74
CA PRO B 144 -10.33 6.43 -17.39
C PRO B 144 -9.18 5.55 -16.84
N CYS B 145 -8.54 4.78 -17.69
CA CYS B 145 -7.44 3.92 -17.21
C CYS B 145 -6.26 4.74 -16.70
N GLN B 146 -5.91 5.80 -17.41
CA GLN B 146 -4.83 6.66 -16.94
C GLN B 146 -5.12 7.20 -15.56
N ILE B 147 -6.36 7.64 -15.35
CA ILE B 147 -6.70 8.25 -14.08
C ILE B 147 -6.76 7.22 -12.96
N MET B 148 -7.21 5.99 -13.25
CA MET B 148 -7.11 4.95 -12.24
C MET B 148 -5.63 4.74 -11.82
N ALA B 149 -4.74 4.71 -12.80
CA ALA B 149 -3.31 4.64 -12.48
C ALA B 149 -2.85 5.83 -11.63
N ASP B 150 -3.33 7.04 -11.95
CA ASP B 150 -2.96 8.22 -11.19
C ASP B 150 -3.43 8.18 -9.73
N VAL B 151 -4.67 7.78 -9.51
CA VAL B 151 -5.20 7.67 -8.14
C VAL B 151 -4.45 6.61 -7.36
N LEU B 152 -4.17 5.45 -7.98
CA LEU B 152 -3.37 4.43 -7.32
C LEU B 152 -2.00 4.98 -6.92
N THR B 153 -1.37 5.74 -7.82
CA THR B 153 -0.04 6.27 -7.54
C THR B 153 -0.09 7.26 -6.40
N TYR B 154 -1.10 8.14 -6.42
CA TYR B 154 -1.27 9.13 -5.36
C TYR B 154 -1.32 8.41 -3.99
N GLU B 155 -2.20 7.42 -3.90
CA GLU B 155 -2.40 6.75 -2.62
C GLU B 155 -1.18 5.98 -2.14
N GLU B 156 -0.44 5.37 -3.06
CA GLU B 156 0.79 4.69 -2.66
C GLU B 156 1.78 5.65 -2.06
N HIS B 157 1.86 6.85 -2.60
CA HIS B 157 2.85 7.82 -2.12
C HIS B 157 2.36 8.66 -0.94
N ARG B 158 1.07 8.96 -0.87
CA ARG B 158 0.56 9.99 0.04
C ARG B 158 -0.67 9.61 0.81
N GLY B 159 -1.13 8.38 0.67
CA GLY B 159 -2.28 7.91 1.42
C GLY B 159 -3.61 8.24 0.79
N PRO B 160 -4.71 8.08 1.54
CA PRO B 160 -6.04 8.18 0.96
C PRO B 160 -6.22 9.51 0.25
N ILE B 161 -6.83 9.44 -0.93
CA ILE B 161 -6.99 10.63 -1.76
C ILE B 161 -8.15 11.52 -1.30
N LYS B 162 -9.04 10.99 -0.48
CA LYS B 162 -10.26 11.75 -0.12
C LYS B 162 -9.90 13.14 0.39
N GLY B 163 -10.55 14.17 -0.17
CA GLY B 163 -10.40 15.54 0.29
C GLY B 163 -9.17 16.26 -0.19
N LYS B 164 -8.30 15.60 -0.95
CA LYS B 164 -7.09 16.25 -1.44
C LYS B 164 -7.45 17.15 -2.62
N THR B 165 -6.50 17.97 -3.03
CA THR B 165 -6.70 18.87 -4.17
C THR B 165 -5.63 18.65 -5.24
N PHE B 166 -6.07 18.34 -6.47
CA PHE B 166 -5.17 18.23 -7.59
C PHE B 166 -5.36 19.50 -8.40
N ALA B 167 -4.27 19.99 -8.97
CA ALA B 167 -4.32 21.19 -9.83
C ALA B 167 -3.82 20.80 -11.22
N TRP B 168 -4.66 21.01 -12.22
CA TRP B 168 -4.32 20.77 -13.62
C TRP B 168 -3.92 22.09 -14.27
N MET B 169 -2.76 22.10 -14.93
CA MET B 169 -2.26 23.27 -15.67
C MET B 169 -2.41 23.06 -17.17
N GLY B 170 -3.08 24.00 -17.84
N GLY B 170 -3.04 24.04 -17.80
CA GLY B 170 -3.16 23.97 -19.31
CA GLY B 170 -3.29 24.01 -19.22
C GLY B 170 -4.52 24.25 -19.96
C GLY B 170 -4.74 23.74 -19.54
N ASP B 171 -5.00 23.32 -20.76
CA ASP B 171 -6.38 23.28 -21.23
CA ASP B 171 -6.39 23.30 -21.19
C ASP B 171 -6.85 21.85 -21.08
N GLY B 172 -8.14 21.65 -21.21
CA GLY B 172 -8.70 20.31 -21.06
C GLY B 172 -8.32 19.34 -22.15
N ASN B 173 -8.41 18.07 -21.80
CA ASN B 173 -8.27 16.99 -22.72
C ASN B 173 -8.87 15.73 -22.07
N ASN B 174 -8.68 14.59 -22.74
CA ASN B 174 -9.23 13.33 -22.30
C ASN B 174 -8.84 12.98 -20.86
N VAL B 175 -7.59 13.21 -20.50
CA VAL B 175 -7.08 12.87 -19.17
C VAL B 175 -7.74 13.78 -18.11
N LEU B 176 -7.80 15.08 -18.37
CA LEU B 176 -8.45 16.01 -17.44
C LEU B 176 -9.92 15.67 -17.29
N HIS B 177 -10.59 15.31 -18.39
CA HIS B 177 -12.00 14.92 -18.31
C HIS B 177 -12.21 13.78 -17.34
N SER B 178 -11.36 12.75 -17.42
CA SER B 178 -11.50 11.64 -16.49
C SER B 178 -11.07 12.03 -15.08
N LEU B 179 -10.09 12.91 -14.95
CA LEU B 179 -9.67 13.36 -13.63
C LEU B 179 -10.82 14.04 -12.89
N VAL B 180 -11.55 14.88 -13.58
CA VAL B 180 -12.76 15.52 -13.05
CA VAL B 180 -12.69 15.50 -12.90
C VAL B 180 -13.77 14.47 -12.55
N GLU B 181 -14.00 13.46 -13.38
CA GLU B 181 -14.92 12.37 -12.99
C GLU B 181 -14.41 11.65 -11.74
N ALA B 182 -13.11 11.40 -11.67
CA ALA B 182 -12.50 10.78 -10.50
C ALA B 182 -12.67 11.59 -9.22
N ALA B 183 -12.61 12.90 -9.33
CA ALA B 183 -12.79 13.78 -8.16
C ALA B 183 -14.16 13.53 -7.55
N ALA B 184 -15.15 13.23 -8.38
CA ALA B 184 -16.46 12.89 -7.88
C ALA B 184 -16.44 11.49 -7.29
N ARG B 185 -15.94 10.52 -8.05
CA ARG B 185 -15.95 9.13 -7.60
C ARG B 185 -15.15 8.83 -6.34
N PHE B 186 -14.04 9.53 -6.17
CA PHE B 186 -13.14 9.30 -5.05
C PHE B 186 -13.14 10.47 -4.05
N ASP B 187 -14.08 11.40 -4.19
CA ASP B 187 -14.30 12.46 -3.20
CA ASP B 187 -14.31 12.46 -3.19
C ASP B 187 -13.08 13.36 -2.97
N PHE B 188 -12.60 13.98 -4.04
CA PHE B 188 -11.52 14.95 -3.93
C PHE B 188 -11.81 16.15 -4.81
N ASN B 189 -10.87 17.07 -4.87
CA ASN B 189 -11.09 18.36 -5.53
C ASN B 189 -10.12 18.56 -6.65
N VAL B 190 -10.53 19.32 -7.69
CA VAL B 190 -9.64 19.68 -8.75
C VAL B 190 -9.74 21.17 -9.06
N ASN B 191 -8.58 21.81 -9.12
CA ASN B 191 -8.43 23.18 -9.56
C ASN B 191 -7.86 23.14 -10.96
N ILE B 192 -8.42 23.92 -11.87
CA ILE B 192 -8.05 23.81 -13.29
C ILE B 192 -7.63 25.20 -13.74
N ALA B 193 -6.36 25.37 -14.10
CA ALA B 193 -5.84 26.67 -14.56
C ALA B 193 -5.70 26.61 -16.07
N THR B 194 -6.53 27.39 -16.75
CA THR B 194 -6.74 27.25 -18.18
CA THR B 194 -6.71 27.27 -18.17
C THR B 194 -6.87 28.65 -18.80
N PRO B 195 -6.33 28.86 -20.01
CA PRO B 195 -6.53 30.20 -20.62
C PRO B 195 -8.00 30.61 -20.76
N LYS B 196 -8.84 29.65 -21.11
CA LYS B 196 -10.31 29.82 -21.17
C LYS B 196 -11.00 30.10 -19.82
N GLY B 197 -10.29 29.90 -18.71
CA GLY B 197 -10.71 30.39 -17.40
C GLY B 197 -12.01 29.87 -16.81
N SER B 198 -12.60 30.66 -15.91
CA SER B 198 -13.87 30.35 -15.27
C SER B 198 -15.02 30.37 -16.29
N SER B 202 -18.27 22.69 -19.66
CA SER B 202 -17.89 21.28 -19.66
C SER B 202 -18.98 20.35 -19.08
N GLN B 203 -19.41 19.36 -19.88
CA GLN B 203 -20.32 18.32 -19.38
C GLN B 203 -19.64 17.50 -18.28
N TYR B 204 -18.30 17.40 -18.32
CA TYR B 204 -17.58 16.61 -17.30
C TYR B 204 -17.58 17.31 -15.96
N ILE B 205 -17.26 18.61 -15.97
CA ILE B 205 -17.31 19.41 -14.75
C ILE B 205 -18.72 19.44 -14.17
N ASP B 206 -19.73 19.59 -15.02
CA ASP B 206 -21.12 19.63 -14.55
C ASP B 206 -21.48 18.32 -13.85
N TRP B 207 -21.11 17.20 -14.46
CA TRP B 207 -21.41 15.89 -13.89
C TRP B 207 -20.65 15.73 -12.60
N ALA B 208 -19.39 16.15 -12.57
CA ALA B 208 -18.56 15.93 -11.39
C ALA B 208 -19.07 16.73 -10.19
N ARG B 209 -19.41 18.00 -10.41
CA ARG B 209 -19.96 18.81 -9.32
C ARG B 209 -21.22 18.17 -8.77
N ALA B 210 -22.08 17.71 -9.68
CA ALA B 210 -23.35 17.09 -9.29
C ALA B 210 -23.17 15.78 -8.51
N ASN B 211 -21.99 15.18 -8.60
CA ASN B 211 -21.74 13.87 -8.02
C ASN B 211 -20.63 13.80 -6.98
N GLY B 212 -20.35 14.94 -6.36
CA GLY B 212 -19.52 14.98 -5.15
C GLY B 212 -18.12 15.59 -5.29
N ALA B 213 -17.81 16.20 -6.43
CA ALA B 213 -16.49 16.79 -6.64
C ALA B 213 -16.49 18.27 -6.32
N GLY B 214 -15.38 18.77 -5.79
CA GLY B 214 -15.15 20.21 -5.77
C GLY B 214 -14.30 20.58 -6.97
N ILE B 215 -14.79 21.48 -7.81
CA ILE B 215 -14.07 21.88 -9.01
C ILE B 215 -13.97 23.39 -9.04
N MET B 216 -12.75 23.92 -9.18
CA MET B 216 -12.51 25.36 -9.33
C MET B 216 -11.79 25.59 -10.67
N SER B 217 -12.32 26.50 -11.49
CA SER B 217 -11.72 26.84 -12.76
C SER B 217 -11.26 28.30 -12.71
N THR B 218 -10.02 28.54 -13.14
CA THR B 218 -9.40 29.86 -13.12
C THR B 218 -8.43 30.01 -14.30
N THR B 219 -8.15 31.25 -14.72
CA THR B 219 -7.05 31.50 -15.63
C THR B 219 -5.68 31.58 -14.93
N ASP B 220 -5.68 31.64 -13.60
CA ASP B 220 -4.48 31.95 -12.85
C ASP B 220 -3.82 30.68 -12.31
N PRO B 221 -2.62 30.33 -12.82
CA PRO B 221 -1.97 29.08 -12.40
C PRO B 221 -1.54 29.04 -10.95
N GLU B 222 -1.04 30.16 -10.44
CA GLU B 222 -0.67 30.27 -9.03
C GLU B 222 -1.89 30.05 -8.12
N LYS B 223 -3.05 30.55 -8.54
CA LYS B 223 -4.28 30.37 -7.75
C LYS B 223 -4.64 28.89 -7.68
N ALA B 224 -4.64 28.22 -8.82
CA ALA B 224 -4.92 26.79 -8.88
C ALA B 224 -3.88 25.97 -8.12
N ALA B 225 -2.59 26.32 -8.25
CA ALA B 225 -1.53 25.54 -7.62
C ALA B 225 -1.38 25.71 -6.10
N SER B 226 -1.84 26.83 -5.56
CA SER B 226 -1.62 27.14 -4.16
CA SER B 226 -1.60 27.13 -4.15
C SER B 226 -2.15 26.06 -3.20
N GLY B 227 -1.25 25.49 -2.42
CA GLY B 227 -1.62 24.49 -1.43
C GLY B 227 -2.00 23.11 -1.96
N ALA B 228 -1.94 22.93 -3.28
CA ALA B 228 -2.41 21.70 -3.91
C ALA B 228 -1.54 20.53 -3.53
N ASP B 229 -2.16 19.35 -3.51
CA ASP B 229 -1.50 18.11 -3.15
C ASP B 229 -0.86 17.38 -4.32
N CYS B 230 -1.23 17.76 -5.54
CA CYS B 230 -0.66 17.17 -6.75
C CYS B 230 -0.83 18.19 -7.87
N ILE B 231 0.23 18.37 -8.64
CA ILE B 231 0.23 19.22 -9.83
C ILE B 231 0.33 18.31 -11.03
N VAL B 232 -0.57 18.51 -12.00
CA VAL B 232 -0.66 17.65 -13.19
C VAL B 232 -0.69 18.53 -14.44
N THR B 233 -0.03 18.08 -15.50
CA THR B 233 -0.17 18.78 -16.79
C THR B 233 0.01 17.71 -17.90
N ASP B 234 0.04 18.18 -19.15
CA ASP B 234 0.18 17.31 -20.30
C ASP B 234 0.78 18.17 -21.42
N THR B 235 1.08 17.54 -22.55
CA THR B 235 1.75 18.27 -23.63
C THR B 235 0.83 19.30 -24.25
N TRP B 236 1.44 20.29 -24.87
CA TRP B 236 0.68 21.35 -25.53
C TRP B 236 -0.20 20.79 -26.67
N VAL B 237 0.32 19.84 -27.43
CA VAL B 237 -0.47 19.17 -28.47
C VAL B 237 -1.66 18.41 -27.90
N SER B 238 -1.45 17.70 -26.78
CA SER B 238 -2.53 16.94 -26.15
C SER B 238 -3.62 17.89 -25.64
N MET B 239 -3.24 19.12 -25.31
CA MET B 239 -4.18 20.12 -24.79
C MET B 239 -4.77 21.03 -25.88
N GLY B 240 -4.60 20.63 -27.13
CA GLY B 240 -5.36 21.18 -28.26
C GLY B 240 -4.60 22.15 -29.16
N GLN B 241 -3.35 22.46 -28.82
CA GLN B 241 -2.54 23.37 -29.65
C GLN B 241 -1.63 22.61 -30.60
N GLU B 242 -2.03 22.57 -31.86
CA GLU B 242 -1.35 21.71 -32.83
C GLU B 242 0.03 22.27 -33.19
N ASP B 243 0.20 23.57 -33.06
CA ASP B 243 1.40 24.25 -33.56
C ASP B 243 2.26 24.78 -32.43
N HIS B 244 3.57 24.65 -32.62
CA HIS B 244 4.52 24.73 -31.53
C HIS B 244 4.69 26.14 -30.98
N ALA B 245 4.82 27.14 -31.85
CA ALA B 245 5.01 28.51 -31.41
C ALA B 245 3.77 29.07 -30.69
N ARG B 246 2.62 28.86 -31.30
CA ARG B 246 1.33 29.22 -30.72
C ARG B 246 1.08 28.51 -29.37
N GLY B 247 1.37 27.22 -29.34
CA GLY B 247 1.26 26.42 -28.11
C GLY B 247 2.11 27.03 -27.02
N HIS B 248 3.34 27.38 -27.37
CA HIS B 248 4.23 28.01 -26.42
C HIS B 248 3.63 29.29 -25.89
N ASN B 249 3.14 30.16 -26.78
CA ASN B 249 2.65 31.45 -26.33
C ASN B 249 1.36 31.36 -25.51
N VAL B 250 0.51 30.40 -25.83
CA VAL B 250 -0.72 30.15 -25.07
C VAL B 250 -0.40 29.49 -23.71
N PHE B 251 0.55 28.57 -23.68
CA PHE B 251 0.72 27.69 -22.51
C PHE B 251 1.93 27.96 -21.62
N ILE B 252 2.89 28.74 -22.09
CA ILE B 252 4.07 28.98 -21.25
C ILE B 252 3.74 29.56 -19.85
N PRO B 253 2.68 30.40 -19.72
CA PRO B 253 2.38 30.86 -18.36
C PRO B 253 1.95 29.75 -17.39
N TYR B 254 1.53 28.62 -17.95
CA TYR B 254 1.02 27.46 -17.20
C TYR B 254 2.07 26.38 -17.03
N GLN B 255 3.30 26.66 -17.47
CA GLN B 255 4.38 25.68 -17.34
C GLN B 255 4.53 25.24 -15.90
N VAL B 256 4.74 23.95 -15.70
CA VAL B 256 5.08 23.46 -14.39
C VAL B 256 6.59 23.52 -14.25
N ASN B 257 7.02 24.52 -13.48
CA ASN B 257 8.42 24.75 -13.15
C ASN B 257 8.61 24.85 -11.64
N ALA B 258 9.85 25.04 -11.19
CA ALA B 258 10.14 25.10 -9.77
C ALA B 258 9.29 26.15 -9.05
N ASN B 259 9.12 27.31 -9.67
CA ASN B 259 8.33 28.38 -9.07
C ASN B 259 6.87 27.97 -8.81
N LEU B 260 6.26 27.25 -9.75
CA LEU B 260 4.88 26.82 -9.58
C LEU B 260 4.78 25.73 -8.53
N MET B 261 5.68 24.75 -8.58
CA MET B 261 5.68 23.70 -7.56
C MET B 261 5.83 24.24 -6.15
N ALA B 262 6.61 25.29 -5.99
CA ALA B 262 6.82 25.89 -4.68
C ALA B 262 5.55 26.51 -4.10
N LYS B 263 4.58 26.79 -4.96
CA LYS B 263 3.27 27.29 -4.50
C LYS B 263 2.39 26.19 -3.94
N ALA B 264 2.62 24.96 -4.36
CA ALA B 264 1.81 23.85 -3.89
C ALA B 264 2.22 23.40 -2.48
N ASP B 265 1.45 22.50 -1.89
CA ASP B 265 1.80 21.91 -0.60
C ASP B 265 3.23 21.39 -0.66
N PRO B 266 3.99 21.53 0.43
CA PRO B 266 5.38 21.07 0.34
C PRO B 266 5.55 19.59 -0.01
N LYS B 267 4.54 18.75 0.28
CA LYS B 267 4.60 17.33 -0.06
C LYS B 267 3.88 16.99 -1.36
N ALA B 268 3.59 18.01 -2.15
CA ALA B 268 2.89 17.79 -3.41
C ALA B 268 3.65 16.82 -4.32
N LEU B 269 2.88 16.07 -5.08
CA LEU B 269 3.44 15.25 -6.16
C LEU B 269 3.28 15.97 -7.50
N PHE B 270 4.11 15.59 -8.46
CA PHE B 270 3.95 15.99 -9.86
C PHE B 270 3.61 14.78 -10.73
N MET B 271 2.54 14.90 -11.50
CA MET B 271 2.08 13.83 -12.43
C MET B 271 1.96 14.34 -13.86
N HIS B 272 2.10 13.42 -14.80
CA HIS B 272 2.04 13.72 -16.23
C HIS B 272 1.88 12.36 -16.93
N CYS B 273 0.78 12.23 -17.68
N CYS B 273 0.87 12.19 -17.77
CA CYS B 273 0.57 11.13 -18.63
CA CYS B 273 0.59 10.86 -18.35
C CYS B 273 1.48 11.38 -19.80
C CYS B 273 1.55 10.26 -19.40
N LEU B 274 2.67 10.89 -19.67
CA LEU B 274 3.55 10.63 -20.81
C LEU B 274 2.96 10.34 -22.21
N PRO B 275 3.68 10.73 -23.25
CA PRO B 275 5.00 11.36 -23.22
C PRO B 275 5.01 12.82 -22.78
N ALA B 276 6.15 13.25 -22.26
CA ALA B 276 6.37 14.63 -21.83
C ALA B 276 7.46 15.28 -22.68
N HIS B 277 7.42 16.60 -22.73
CA HIS B 277 8.44 17.39 -23.42
C HIS B 277 9.09 18.38 -22.49
N ARG B 278 10.29 18.01 -22.02
CA ARG B 278 11.01 18.85 -21.10
C ARG B 278 11.27 20.22 -21.70
N GLY B 279 11.06 21.24 -20.88
CA GLY B 279 11.26 22.62 -21.31
C GLY B 279 10.01 23.26 -21.90
N GLU B 280 8.98 22.46 -22.13
CA GLU B 280 7.70 22.97 -22.63
C GLU B 280 6.71 23.05 -21.48
N GLU B 281 5.85 22.04 -21.29
CA GLU B 281 4.85 22.07 -20.21
C GLU B 281 5.43 21.81 -18.82
N VAL B 282 6.64 21.25 -18.75
CA VAL B 282 7.30 20.99 -17.49
C VAL B 282 8.81 21.10 -17.70
N THR B 283 9.52 21.55 -16.67
CA THR B 283 10.98 21.63 -16.73
C THR B 283 11.65 20.35 -16.28
N ASP B 284 12.90 20.13 -16.76
CA ASP B 284 13.67 18.94 -16.34
C ASP B 284 13.72 18.83 -14.84
N GLU B 285 13.95 19.96 -14.15
CA GLU B 285 14.15 19.86 -12.73
C GLU B 285 12.89 19.45 -11.98
N VAL B 286 11.70 19.68 -12.53
CA VAL B 286 10.49 19.18 -11.89
C VAL B 286 10.29 17.69 -12.23
N ILE B 287 10.27 17.37 -13.52
CA ILE B 287 9.92 16.00 -13.94
C ILE B 287 10.95 14.96 -13.51
N ASP B 288 12.22 15.36 -13.38
CA ASP B 288 13.31 14.49 -12.95
C ASP B 288 13.70 14.80 -11.50
N GLY B 289 12.87 15.59 -10.83
CA GLY B 289 13.10 16.01 -9.44
C GLY B 289 12.36 15.17 -8.42
N PRO B 290 12.53 15.51 -7.15
CA PRO B 290 12.06 14.65 -6.05
C PRO B 290 10.56 14.64 -5.81
N GLN B 291 9.80 15.51 -6.47
CA GLN B 291 8.35 15.51 -6.31
C GLN B 291 7.67 14.74 -7.45
N SER B 292 8.43 14.38 -8.47
CA SER B 292 7.86 13.70 -9.64
C SER B 292 7.61 12.22 -9.36
N VAL B 293 6.42 11.76 -9.75
CA VAL B 293 6.10 10.32 -9.71
C VAL B 293 5.72 9.79 -11.09
N VAL B 294 6.19 10.44 -12.16
CA VAL B 294 5.72 10.08 -13.49
C VAL B 294 6.07 8.66 -13.90
N PHE B 295 7.23 8.13 -13.48
CA PHE B 295 7.57 6.76 -13.87
C PHE B 295 6.82 5.70 -13.04
N ASP B 296 6.55 6.00 -11.76
CA ASP B 296 5.67 5.15 -10.95
C ASP B 296 4.25 5.17 -11.54
N GLU B 297 3.82 6.34 -11.98
CA GLU B 297 2.54 6.55 -12.56
C GLU B 297 2.40 5.73 -13.86
N ALA B 298 3.45 5.76 -14.69
CA ALA B 298 3.50 4.96 -15.90
C ALA B 298 3.43 3.48 -15.56
N GLU B 299 4.23 3.05 -14.60
CA GLU B 299 4.19 1.64 -14.19
C GLU B 299 2.78 1.22 -13.79
N ASN B 300 2.09 2.12 -13.09
CA ASN B 300 0.79 1.78 -12.58
C ASN B 300 -0.30 1.67 -13.63
N ARG B 301 -0.01 2.06 -14.88
CA ARG B 301 -0.93 1.65 -15.95
C ARG B 301 -1.08 0.14 -15.96
N LEU B 302 0.04 -0.59 -15.85
CA LEU B 302 -0.01 -2.04 -15.81
C LEU B 302 -0.86 -2.51 -14.63
N HIS B 303 -0.57 -2.00 -13.45
CA HIS B 303 -1.19 -2.55 -12.23
C HIS B 303 -2.68 -2.18 -12.14
N ALA B 304 -3.03 -0.97 -12.53
CA ALA B 304 -4.45 -0.55 -12.52
C ALA B 304 -5.23 -1.30 -13.58
N GLN B 305 -4.67 -1.38 -14.79
CA GLN B 305 -5.37 -2.05 -15.89
C GLN B 305 -5.57 -3.52 -15.63
N LYS B 306 -4.64 -4.16 -14.92
CA LYS B 306 -4.81 -5.55 -14.56
CA LYS B 306 -4.82 -5.56 -14.53
C LYS B 306 -6.05 -5.72 -13.67
N ALA B 307 -6.23 -4.84 -12.68
CA ALA B 307 -7.41 -4.94 -11.83
C ALA B 307 -8.69 -4.64 -12.60
N ILE B 308 -8.61 -3.71 -13.57
CA ILE B 308 -9.78 -3.46 -14.40
C ILE B 308 -10.14 -4.73 -15.20
N LEU B 309 -9.15 -5.33 -15.83
CA LEU B 309 -9.36 -6.59 -16.56
C LEU B 309 -9.98 -7.66 -15.68
N ALA B 310 -9.42 -7.84 -14.49
CA ALA B 310 -9.93 -8.87 -13.60
C ALA B 310 -11.39 -8.60 -13.22
N TRP B 311 -11.73 -7.34 -13.00
CA TRP B 311 -13.10 -6.94 -12.67
C TRP B 311 -14.06 -7.26 -13.82
N CYS B 312 -13.63 -6.90 -15.01
CA CYS B 312 -14.45 -7.20 -16.22
C CYS B 312 -14.64 -8.70 -16.45
N LEU B 313 -13.60 -9.49 -16.19
CA LEU B 313 -13.60 -10.94 -16.51
C LEU B 313 -14.25 -11.80 -15.45
N GLN B 314 -14.44 -11.25 -14.26
CA GLN B 314 -14.96 -12.00 -13.12
C GLN B 314 -16.30 -12.68 -13.42
N ASP B 315 -16.45 -13.91 -12.91
CA ASP B 315 -17.76 -14.65 -12.82
C ASP B 315 -18.20 -15.34 -14.10
C1 EDO C . -5.52 4.94 10.11
O1 EDO C . -4.82 4.97 8.87
C2 EDO C . -6.99 4.72 9.80
O2 EDO C . -7.67 4.50 11.03
C1 EDO D . 22.76 7.41 33.91
O1 EDO D . 22.69 6.34 34.87
C2 EDO D . 23.40 6.94 32.60
O2 EDO D . 24.57 6.15 32.84
CL CL E . 12.28 -10.93 19.18
C1 EDO F . -16.70 4.18 -2.61
O1 EDO F . -15.74 3.55 -1.76
C2 EDO F . -17.27 5.39 -1.89
O2 EDO F . -18.64 5.50 -2.25
C1 EDO G . -15.32 -10.21 -36.59
O1 EDO G . -15.23 -9.19 -37.60
C2 EDO G . -13.93 -10.50 -36.02
O2 EDO G . -12.95 -10.60 -37.05
CL CL H . -1.85 6.75 -22.95
#